data_5VIC
#
_entry.id   5VIC
#
_cell.length_a   74.225
_cell.length_b   74.225
_cell.length_c   190.758
_cell.angle_alpha   90.000
_cell.angle_beta   90.000
_cell.angle_gamma   90.000
#
_symmetry.space_group_name_H-M   'P 43 21 2'
#
loop_
_entity.id
_entity.type
_entity.pdbx_description
1 polymer 'Fab heavy chain'
2 polymer 'Fab light chain'
3 polymer 'Dengue 1 Envelope DIII domain'
#
loop_
_entity_poly.entity_id
_entity_poly.type
_entity_poly.pdbx_seq_one_letter_code
_entity_poly.pdbx_strand_id
1 'polypeptide(L)'
;EVQLLESGGGLVQPGGSLRLTCATSGFTFRDYAMSWVRQAPGKGLEWVSSYSGIDDSTYYADSVKGRFTISRDNSKSTLS
LHMNSLRAEDSALYFCAKDRGPRGVGELFDSWGQGTLVTVSSASTKGPSVFPLAPSSKSTSGGTAALGCLVKDYFPEPVT
VSWNSGALTSGVHTFPAVLQSSGLYSLSSVVTVPSSSLGTQTYICNVNHKPSNTKVDKRVEPKSCDKTHHHHHH
;
H
2 'polypeptide(L)'
;DIQMTQSPSTLSASVGDRVTITCRASQSISKWLAWYQQKPGKAPKLLIYTTSTLKSGVPSRFSGSGSGTEFTLTISSLQP
DDFATYYCQHFYSVPWTFGQGTKVEIKRTVAAPSVFIFPPSDEQLKSGTASVVCLLNNFYPREAKVQWKVDNALQSGNSQ
ESVTEQDSKDSTYSLSSTLTLSKADYEKHKVYACEVTHQGLSSPVTKSFNRGEC
;
L
3 'polypeptide(L)'
;SYVMCTGSFKLEKEVAETQHGTVLVQVKYEGTDAPCKIPFSSQDEKGVTQNGRLITANPIVTDKEKPVNIEAEPPFGESY
IVVGAGEKALKLSWFKKGS
;
E
#
# COMPACT_ATOMS: atom_id res chain seq x y z
N GLU A 1 7.19 -18.25 8.76
CA GLU A 1 6.59 -18.64 10.07
C GLU A 1 6.06 -17.42 10.79
N VAL A 2 6.72 -16.28 10.59
CA VAL A 2 6.27 -15.03 11.18
C VAL A 2 4.98 -14.61 10.50
N GLN A 3 3.91 -14.46 11.29
CA GLN A 3 2.62 -14.05 10.78
C GLN A 3 2.00 -13.02 11.71
N LEU A 4 1.48 -11.95 11.13
CA LEU A 4 0.88 -10.85 11.86
C LEU A 4 -0.54 -10.65 11.36
N LEU A 5 -1.49 -10.49 12.28
CA LEU A 5 -2.89 -10.32 11.92
C LEU A 5 -3.45 -9.09 12.64
N GLU A 6 -3.77 -8.06 11.86
CA GLU A 6 -4.36 -6.84 12.40
C GLU A 6 -5.87 -6.95 12.43
N SER A 7 -6.47 -6.44 13.50
CA SER A 7 -7.92 -6.41 13.65
C SER A 7 -8.31 -5.13 14.37
N GLY A 8 -9.59 -4.76 14.24
CA GLY A 8 -10.14 -3.61 14.92
C GLY A 8 -10.52 -2.45 14.01
N GLY A 9 -10.24 -2.54 12.71
CA GLY A 9 -10.54 -1.46 11.82
C GLY A 9 -12.01 -1.41 11.41
N GLY A 10 -12.44 -0.24 10.96
CA GLY A 10 -13.81 -0.09 10.51
C GLY A 10 -14.15 1.39 10.34
N LEU A 11 -15.45 1.66 10.25
CA LEU A 11 -15.94 3.02 10.08
C LEU A 11 -16.16 3.68 11.43
N VAL A 12 -15.79 4.95 11.53
CA VAL A 12 -15.94 5.72 12.75
C VAL A 12 -16.04 7.20 12.38
N GLN A 13 -16.86 7.93 13.13
CA GLN A 13 -17.09 9.33 12.82
C GLN A 13 -15.89 10.18 13.22
N PRO A 14 -15.77 11.38 12.65
CA PRO A 14 -14.67 12.27 13.06
C PRO A 14 -14.71 12.53 14.56
N GLY A 15 -13.54 12.83 15.11
CA GLY A 15 -13.41 13.02 16.54
C GLY A 15 -13.60 11.77 17.36
N GLY A 16 -13.89 10.63 16.74
CA GLY A 16 -14.11 9.39 17.46
C GLY A 16 -12.82 8.62 17.67
N SER A 17 -12.94 7.52 18.41
CA SER A 17 -11.81 6.69 18.78
C SER A 17 -11.93 5.31 18.14
N LEU A 18 -10.83 4.58 18.20
CA LEU A 18 -10.76 3.21 17.69
C LEU A 18 -9.52 2.58 18.30
N ARG A 19 -9.46 1.25 18.26
CA ARG A 19 -8.32 0.54 18.84
C ARG A 19 -8.03 -0.69 17.99
N LEU A 20 -6.87 -0.68 17.33
CA LEU A 20 -6.42 -1.83 16.56
C LEU A 20 -5.53 -2.72 17.43
N THR A 21 -5.55 -4.01 17.12
CA THR A 21 -4.72 -5.00 17.79
C THR A 21 -4.03 -5.85 16.74
N CYS A 22 -2.79 -6.23 17.02
CA CYS A 22 -1.97 -7.02 16.11
C CYS A 22 -1.59 -8.31 16.84
N ALA A 23 -2.12 -9.43 16.36
CA ALA A 23 -1.82 -10.74 16.93
C ALA A 23 -0.64 -11.35 16.18
N THR A 24 0.32 -11.88 16.94
CA THR A 24 1.55 -12.43 16.40
C THR A 24 1.72 -13.85 16.90
N SER A 25 2.54 -14.63 16.18
CA SER A 25 2.67 -16.05 16.50
C SER A 25 4.06 -16.64 16.26
N GLY A 26 4.80 -16.21 15.26
CA GLY A 26 5.99 -16.92 14.82
C GLY A 26 7.31 -16.47 15.38
N PHE A 27 7.33 -15.63 16.41
CA PHE A 27 8.59 -15.07 16.89
C PHE A 27 8.42 -14.60 18.33
N THR A 28 9.55 -14.49 19.01
CA THR A 28 9.59 -13.99 20.39
C THR A 28 9.20 -12.52 20.38
N PHE A 29 7.94 -12.25 20.76
CA PHE A 29 7.45 -10.88 20.75
C PHE A 29 8.27 -9.98 21.66
N ARG A 30 8.82 -10.54 22.74
CA ARG A 30 9.54 -9.74 23.73
C ARG A 30 10.65 -8.90 23.10
N ASP A 31 11.47 -9.52 22.26
CA ASP A 31 12.78 -8.98 21.90
C ASP A 31 12.75 -8.02 20.73
N TYR A 32 11.62 -7.85 20.05
CA TYR A 32 11.58 -7.09 18.81
C TYR A 32 10.84 -5.77 18.99
N ALA A 33 11.25 -4.77 18.22
CA ALA A 33 10.49 -3.54 18.08
C ALA A 33 9.38 -3.75 17.06
N MET A 34 8.20 -3.20 17.35
CA MET A 34 7.03 -3.40 16.52
C MET A 34 6.51 -2.05 16.05
N SER A 35 5.98 -2.00 14.82
CA SER A 35 5.63 -0.73 14.22
C SER A 35 4.23 -0.76 13.63
N TRP A 36 3.68 0.44 13.45
CA TRP A 36 2.44 0.67 12.73
C TRP A 36 2.73 1.61 11.57
N VAL A 37 2.36 1.18 10.36
CA VAL A 37 2.54 1.96 9.13
C VAL A 37 1.24 1.94 8.36
N ARG A 38 0.83 3.09 7.82
CA ARG A 38 -0.46 3.21 7.16
C ARG A 38 -0.30 3.59 5.70
N GLN A 39 -1.27 3.19 4.89
CA GLN A 39 -1.27 3.46 3.45
C GLN A 39 -2.67 3.91 3.05
N ALA A 40 -2.84 5.21 2.81
CA ALA A 40 -4.10 5.75 2.33
C ALA A 40 -4.32 5.34 0.88
N PRO A 41 -5.56 5.43 0.37
CA PRO A 41 -5.85 4.83 -0.93
C PRO A 41 -5.12 5.53 -2.06
N GLY A 42 -4.57 4.74 -2.98
CA GLY A 42 -3.85 5.28 -4.12
C GLY A 42 -2.71 6.21 -3.74
N LYS A 43 -2.08 5.98 -2.58
CA LYS A 43 -0.99 6.83 -2.11
C LYS A 43 0.15 5.97 -1.60
N GLY A 44 1.15 6.59 -0.97
CA GLY A 44 2.33 5.89 -0.53
C GLY A 44 2.23 5.41 0.90
N LEU A 45 3.37 5.00 1.43
CA LEU A 45 3.46 4.49 2.79
C LEU A 45 3.81 5.62 3.75
N GLU A 46 3.22 5.58 4.94
CA GLU A 46 3.45 6.59 5.96
C GLU A 46 3.60 5.89 7.30
N TRP A 47 4.78 6.04 7.91
CA TRP A 47 5.02 5.44 9.21
C TRP A 47 4.20 6.15 10.28
N VAL A 48 3.52 5.37 11.11
CA VAL A 48 2.64 5.92 12.14
C VAL A 48 3.34 5.89 13.49
N SER A 49 3.78 4.72 13.94
CA SER A 49 4.35 4.62 15.27
C SER A 49 5.32 3.46 15.37
N SER A 50 6.17 3.49 16.39
CA SER A 50 7.11 2.42 16.68
C SER A 50 7.24 2.22 18.18
N TYR A 51 7.28 0.96 18.59
CA TYR A 51 7.53 0.56 19.97
C TYR A 51 8.87 -0.15 20.03
N SER A 52 9.80 0.41 20.80
CA SER A 52 11.17 -0.07 20.86
C SER A 52 11.23 -1.50 21.41
N GLY A 53 12.34 -2.17 21.10
CA GLY A 53 12.60 -3.51 21.57
C GLY A 53 13.62 -3.62 22.68
N ILE A 54 14.02 -2.51 23.30
CA ILE A 54 15.01 -2.53 24.38
C ILE A 54 14.44 -1.84 25.62
N ASP A 55 13.28 -1.18 25.47
CA ASP A 55 12.61 -0.58 26.61
C ASP A 55 11.18 -0.19 26.23
N ASP A 56 10.60 0.76 26.97
CA ASP A 56 9.26 1.25 26.70
C ASP A 56 9.28 2.55 25.91
N SER A 57 10.23 2.69 25.00
CA SER A 57 10.33 3.88 24.16
C SER A 57 9.29 3.81 23.06
N THR A 58 8.50 4.89 22.91
CA THR A 58 7.49 5.00 21.87
C THR A 58 7.84 6.16 20.95
N TYR A 59 7.57 5.98 19.66
CA TYR A 59 7.88 6.97 18.64
C TYR A 59 6.65 7.19 17.77
N TYR A 60 6.33 8.45 17.49
CA TYR A 60 5.11 8.80 16.79
C TYR A 60 5.39 9.79 15.67
N ALA A 61 4.69 9.63 14.56
CA ALA A 61 4.73 10.61 13.48
C ALA A 61 4.11 11.93 13.96
N ASP A 62 4.61 13.03 13.40
CA ASP A 62 4.19 14.35 13.86
C ASP A 62 2.67 14.53 13.73
N SER A 63 2.12 14.26 12.56
CA SER A 63 0.68 14.40 12.35
C SER A 63 -0.12 13.64 13.39
N VAL A 64 0.43 12.55 13.91
CA VAL A 64 -0.28 11.69 14.85
C VAL A 64 0.02 12.03 16.31
N LYS A 65 1.12 12.71 16.58
CA LYS A 65 1.56 12.91 17.95
C LYS A 65 0.46 13.55 18.79
N GLY A 66 0.29 13.03 20.01
CA GLY A 66 -0.72 13.52 20.92
C GLY A 66 -2.08 12.88 20.78
N ARG A 67 -2.32 12.13 19.71
CA ARG A 67 -3.64 11.55 19.46
C ARG A 67 -3.65 10.03 19.49
N PHE A 68 -2.64 9.37 18.92
CA PHE A 68 -2.54 7.92 19.00
C PHE A 68 -1.56 7.54 20.11
N THR A 69 -1.69 6.30 20.59
CA THR A 69 -0.71 5.73 21.50
C THR A 69 -0.54 4.26 21.17
N ILE A 70 0.72 3.82 21.05
CA ILE A 70 1.06 2.44 20.74
C ILE A 70 1.38 1.73 22.04
N SER A 71 0.71 0.61 22.29
CA SER A 71 0.91 -0.17 23.50
C SER A 71 1.30 -1.60 23.13
N ARG A 72 1.92 -2.27 24.09
CA ARG A 72 2.56 -3.56 23.86
C ARG A 72 2.15 -4.53 24.95
N ASP A 73 1.74 -5.73 24.56
CA ASP A 73 1.41 -6.80 25.51
C ASP A 73 2.29 -8.00 25.18
N ASN A 74 3.36 -8.19 25.95
CA ASN A 74 4.29 -9.29 25.75
C ASN A 74 3.80 -10.59 26.38
N SER A 75 2.59 -10.61 26.94
CA SER A 75 1.97 -11.85 27.41
C SER A 75 1.19 -12.51 26.27
N LYS A 76 0.20 -11.81 25.74
CA LYS A 76 -0.50 -12.27 24.55
C LYS A 76 0.29 -12.04 23.27
N SER A 77 1.43 -11.36 23.36
CA SER A 77 2.25 -11.07 22.19
C SER A 77 1.47 -10.28 21.15
N THR A 78 0.85 -9.19 21.60
CA THR A 78 0.00 -8.38 20.74
C THR A 78 0.45 -6.93 20.80
N LEU A 79 0.20 -6.21 19.71
CA LEU A 79 0.56 -4.79 19.59
C LEU A 79 -0.70 -3.98 19.32
N SER A 80 -1.03 -3.08 20.24
CA SER A 80 -2.24 -2.28 20.10
C SER A 80 -1.93 -0.84 19.69
N LEU A 81 -2.84 -0.27 18.91
CA LEU A 81 -2.80 1.14 18.54
C LEU A 81 -4.12 1.79 18.95
N HIS A 82 -4.06 2.72 19.89
CA HIS A 82 -5.22 3.47 20.34
C HIS A 82 -5.28 4.78 19.57
N MET A 83 -6.36 4.98 18.84
CA MET A 83 -6.57 6.15 18.00
C MET A 83 -7.67 7.00 18.60
N ASN A 84 -7.38 8.29 18.80
CA ASN A 84 -8.35 9.23 19.36
C ASN A 84 -8.37 10.50 18.53
N SER A 85 -9.46 11.26 18.66
CA SER A 85 -9.65 12.48 17.90
C SER A 85 -9.42 12.24 16.41
N LEU A 86 -9.90 11.10 15.93
CA LEU A 86 -9.62 10.68 14.57
C LEU A 86 -10.05 11.75 13.57
N ARG A 87 -9.23 11.92 12.53
CA ARG A 87 -9.44 12.93 11.50
C ARG A 87 -9.76 12.27 10.17
N ALA A 88 -10.19 13.09 9.21
CA ALA A 88 -10.48 12.58 7.87
C ALA A 88 -9.22 11.98 7.23
N GLU A 89 -8.07 12.61 7.47
CA GLU A 89 -6.83 12.18 6.83
C GLU A 89 -6.27 10.91 7.43
N ASP A 90 -6.80 10.44 8.56
CA ASP A 90 -6.36 9.18 9.15
C ASP A 90 -6.95 7.97 8.46
N SER A 91 -7.86 8.15 7.51
CA SER A 91 -8.45 7.03 6.79
C SER A 91 -7.38 6.36 5.94
N ALA A 92 -7.18 5.06 6.14
CA ALA A 92 -6.15 4.34 5.40
C ALA A 92 -6.13 2.86 5.77
N LEU A 93 -5.26 2.09 5.12
CA LEU A 93 -4.98 0.72 5.51
C LEU A 93 -3.89 0.71 6.58
N TYR A 94 -4.17 0.13 7.72
CA TYR A 94 -3.22 0.13 8.83
C TYR A 94 -2.51 -1.23 8.90
N PHE A 95 -1.21 -1.20 8.65
CA PHE A 95 -0.32 -2.36 8.66
C PHE A 95 0.44 -2.45 9.97
N CYS A 96 0.60 -3.68 10.44
CA CYS A 96 1.43 -4.01 11.60
C CYS A 96 2.74 -4.60 11.10
N ALA A 97 3.87 -4.08 11.58
CA ALA A 97 5.17 -4.42 11.02
C ALA A 97 6.13 -4.88 12.11
N LYS A 98 7.06 -5.74 11.70
CA LYS A 98 8.05 -6.34 12.58
C LYS A 98 9.45 -5.90 12.16
N ASP A 99 10.28 -5.56 13.14
CA ASP A 99 11.66 -5.19 12.88
C ASP A 99 12.48 -6.40 12.45
N ARG A 100 13.47 -6.17 11.59
CA ARG A 100 14.23 -7.27 11.02
C ARG A 100 14.97 -8.06 12.10
N GLY A 101 15.57 -7.36 13.06
CA GLY A 101 16.33 -8.00 14.11
C GLY A 101 15.80 -7.68 15.48
N PRO A 102 16.26 -8.39 16.50
CA PRO A 102 15.82 -8.12 17.87
C PRO A 102 16.61 -6.99 18.51
N ARG A 103 16.04 -6.45 19.59
CA ARG A 103 16.69 -5.42 20.38
C ARG A 103 17.00 -4.18 19.54
N GLY A 104 16.01 -3.74 18.79
CA GLY A 104 16.14 -2.54 17.96
C GLY A 104 15.11 -1.48 18.31
N VAL A 105 14.96 -0.49 17.43
CA VAL A 105 14.04 0.63 17.64
C VAL A 105 13.03 0.74 16.51
N GLY A 106 12.90 -0.30 15.69
CA GLY A 106 11.95 -0.27 14.59
C GLY A 106 12.47 0.43 13.35
N GLU A 107 13.73 0.23 13.01
CA GLU A 107 14.29 0.85 11.81
C GLU A 107 13.62 0.31 10.55
N LEU A 108 13.50 -1.00 10.45
CA LEU A 108 13.00 -1.67 9.25
C LEU A 108 11.64 -2.29 9.51
N PHE A 109 10.96 -2.62 8.42
CA PHE A 109 9.66 -3.28 8.46
C PHE A 109 9.81 -4.59 7.70
N ASP A 110 10.29 -5.61 8.40
CA ASP A 110 10.69 -6.85 7.73
C ASP A 110 9.49 -7.72 7.38
N SER A 111 8.54 -7.87 8.30
CA SER A 111 7.39 -8.73 8.10
C SER A 111 6.12 -7.94 8.38
N TRP A 112 5.21 -7.91 7.40
CA TRP A 112 3.99 -7.13 7.49
C TRP A 112 2.79 -8.03 7.69
N GLY A 113 1.72 -7.45 8.23
CA GLY A 113 0.41 -8.06 8.20
C GLY A 113 -0.37 -7.62 6.98
N GLN A 114 -1.55 -8.22 6.82
CA GLN A 114 -2.37 -7.92 5.65
C GLN A 114 -3.14 -6.62 5.77
N GLY A 115 -3.10 -5.98 6.93
CA GLY A 115 -3.69 -4.67 7.10
C GLY A 115 -5.09 -4.73 7.68
N THR A 116 -5.56 -3.56 8.12
CA THR A 116 -6.93 -3.39 8.58
C THR A 116 -7.39 -1.99 8.19
N LEU A 117 -8.52 -1.90 7.49
CA LEU A 117 -8.94 -0.63 6.91
C LEU A 117 -9.60 0.23 7.98
N VAL A 118 -9.36 1.54 7.88
CA VAL A 118 -9.94 2.52 8.80
C VAL A 118 -10.52 3.63 7.94
N THR A 119 -11.85 3.78 7.99
CA THR A 119 -12.53 4.85 7.29
C THR A 119 -13.07 5.83 8.33
N VAL A 120 -12.70 7.10 8.20
CA VAL A 120 -13.19 8.15 9.07
C VAL A 120 -14.11 9.03 8.23
N SER A 121 -15.40 9.05 8.59
CA SER A 121 -16.39 9.78 7.82
C SER A 121 -17.68 9.79 8.61
N SER A 122 -18.36 10.94 8.61
CA SER A 122 -19.69 11.03 9.20
C SER A 122 -20.74 10.30 8.39
N ALA A 123 -20.42 9.90 7.16
CA ALA A 123 -21.37 9.20 6.31
C ALA A 123 -21.88 7.93 6.98
N SER A 124 -23.06 7.51 6.58
CA SER A 124 -23.71 6.33 7.15
C SER A 124 -23.37 5.09 6.33
N THR A 125 -23.36 3.94 7.01
CA THR A 125 -23.14 2.67 6.35
C THR A 125 -24.35 2.33 5.48
N LYS A 126 -24.10 2.00 4.21
CA LYS A 126 -25.18 1.75 3.26
C LYS A 126 -24.80 0.55 2.41
N GLY A 127 -25.62 -0.49 2.47
CA GLY A 127 -25.39 -1.69 1.68
C GLY A 127 -25.51 -1.40 0.20
N PRO A 128 -24.82 -2.18 -0.63
CA PRO A 128 -24.84 -1.92 -2.07
C PRO A 128 -26.13 -2.36 -2.71
N SER A 129 -26.29 -1.96 -3.97
CA SER A 129 -27.35 -2.44 -4.85
C SER A 129 -26.68 -3.11 -6.04
N VAL A 130 -26.90 -4.40 -6.21
CA VAL A 130 -26.24 -5.19 -7.25
C VAL A 130 -27.17 -5.28 -8.44
N PHE A 131 -26.66 -4.93 -9.62
CA PHE A 131 -27.41 -5.00 -10.86
C PHE A 131 -26.63 -5.84 -11.87
N PRO A 132 -27.32 -6.55 -12.76
CA PRO A 132 -26.61 -7.41 -13.71
C PRO A 132 -26.19 -6.64 -14.94
N LEU A 133 -24.94 -6.88 -15.37
CA LEU A 133 -24.50 -6.45 -16.69
C LEU A 133 -24.70 -7.63 -17.63
N ALA A 134 -25.89 -7.68 -18.24
CA ALA A 134 -26.34 -8.76 -19.10
C ALA A 134 -25.72 -8.63 -20.49
N PRO A 135 -25.33 -9.75 -21.12
CA PRO A 135 -24.72 -9.66 -22.45
C PRO A 135 -25.66 -9.84 -23.64
N SER A 136 -25.39 -9.07 -24.68
CA SER A 136 -25.92 -9.31 -26.02
C SER A 136 -25.24 -8.32 -26.97
N SER A 137 -24.34 -8.81 -27.80
CA SER A 137 -23.52 -7.96 -28.66
C SER A 137 -22.55 -7.12 -27.82
N GLY A 142 -21.46 -10.17 -28.07
CA GLY A 142 -20.47 -9.52 -28.90
C GLY A 142 -19.30 -10.43 -29.23
N GLY A 143 -18.11 -9.84 -29.34
CA GLY A 143 -16.92 -10.64 -29.55
C GLY A 143 -16.58 -11.42 -28.29
N THR A 144 -16.44 -12.74 -28.43
CA THR A 144 -16.23 -13.61 -27.27
C THR A 144 -17.46 -13.44 -26.39
N ALA A 145 -17.33 -13.12 -25.11
CA ALA A 145 -18.47 -12.74 -24.30
C ALA A 145 -18.03 -11.73 -23.24
N ALA A 146 -19.02 -11.01 -22.71
CA ALA A 146 -18.82 -10.10 -21.60
C ALA A 146 -19.97 -10.30 -20.63
N LEU A 147 -19.71 -10.16 -19.34
CA LEU A 147 -20.74 -10.53 -18.38
C LEU A 147 -20.41 -9.98 -16.99
N GLY A 148 -21.23 -9.08 -16.44
CA GLY A 148 -20.80 -8.30 -15.31
C GLY A 148 -21.84 -8.12 -14.22
N CYS A 149 -21.43 -7.36 -13.20
CA CYS A 149 -22.28 -6.99 -12.08
C CYS A 149 -21.83 -5.62 -11.60
N LEU A 150 -22.82 -4.74 -11.39
CA LEU A 150 -22.61 -3.36 -10.98
C LEU A 150 -23.04 -3.22 -9.52
N VAL A 151 -22.09 -2.92 -8.65
CA VAL A 151 -22.30 -2.83 -7.21
C VAL A 151 -22.35 -1.35 -6.87
N LYS A 152 -23.55 -0.81 -6.66
CA LYS A 152 -23.74 0.63 -6.64
C LYS A 152 -24.14 1.16 -5.27
N ASP A 153 -23.68 2.37 -4.97
CA ASP A 153 -24.21 3.19 -3.89
C ASP A 153 -24.04 2.51 -2.53
N TYR A 154 -22.78 2.25 -2.19
CA TYR A 154 -22.45 1.63 -0.90
C TYR A 154 -21.34 2.41 -0.22
N PHE A 155 -21.24 2.20 1.10
CA PHE A 155 -20.26 2.87 1.94
C PHE A 155 -20.21 2.09 3.24
N PRO A 156 -19.02 1.87 3.82
CA PRO A 156 -17.67 2.24 3.37
C PRO A 156 -17.12 1.38 2.23
N GLU A 157 -15.78 1.29 2.15
CA GLU A 157 -15.10 0.80 0.96
C GLU A 157 -15.07 -0.73 0.83
N PRO A 158 -14.77 -1.49 1.91
CA PRO A 158 -14.51 -2.93 1.72
C PRO A 158 -15.68 -3.68 1.10
N VAL A 159 -15.58 -3.98 -0.20
CA VAL A 159 -16.53 -4.86 -0.87
C VAL A 159 -15.74 -5.87 -1.69
N THR A 160 -16.08 -7.14 -1.53
CA THR A 160 -15.44 -8.22 -2.27
C THR A 160 -16.45 -8.84 -3.21
N VAL A 161 -15.95 -9.47 -4.27
CA VAL A 161 -16.84 -10.12 -5.22
C VAL A 161 -16.13 -11.31 -5.89
N SER A 162 -16.76 -12.48 -5.80
CA SER A 162 -16.34 -13.66 -6.53
C SER A 162 -17.37 -13.95 -7.63
N TRP A 163 -17.14 -15.02 -8.38
CA TRP A 163 -18.02 -15.41 -9.47
C TRP A 163 -18.28 -16.91 -9.39
N ASN A 164 -19.56 -17.29 -9.40
CA ASN A 164 -19.95 -18.69 -9.21
C ASN A 164 -19.29 -19.25 -7.95
N SER A 165 -19.51 -18.56 -6.84
CA SER A 165 -18.76 -18.83 -5.61
C SER A 165 -17.28 -18.62 -5.96
N GLY A 166 -16.38 -19.48 -5.52
CA GLY A 166 -14.99 -19.37 -5.90
C GLY A 166 -14.62 -20.12 -7.17
N ALA A 167 -15.58 -20.75 -7.83
CA ALA A 167 -15.26 -21.62 -8.97
C ALA A 167 -14.69 -20.84 -10.13
N LEU A 168 -15.39 -19.79 -10.56
CA LEU A 168 -15.01 -19.05 -11.77
C LEU A 168 -14.08 -17.90 -11.40
N THR A 169 -12.84 -18.00 -11.86
CA THR A 169 -11.86 -16.92 -11.69
C THR A 169 -11.07 -16.63 -12.96
N SER A 170 -11.08 -17.52 -13.96
CA SER A 170 -10.38 -17.25 -15.19
C SER A 170 -11.14 -16.22 -16.02
N GLY A 171 -10.43 -15.20 -16.49
CA GLY A 171 -11.05 -14.17 -17.30
C GLY A 171 -11.93 -13.22 -16.51
N VAL A 172 -11.57 -12.93 -15.27
CA VAL A 172 -12.36 -12.08 -14.38
C VAL A 172 -11.56 -10.81 -14.09
N HIS A 173 -12.19 -9.66 -14.30
CA HIS A 173 -11.61 -8.36 -13.95
C HIS A 173 -12.56 -7.67 -12.98
N THR A 174 -12.17 -7.61 -11.72
CA THR A 174 -12.88 -6.81 -10.72
C THR A 174 -12.21 -5.45 -10.61
N PHE A 175 -13.02 -4.39 -10.62
CA PHE A 175 -12.48 -3.06 -10.78
C PHE A 175 -12.40 -2.31 -9.45
N PRO A 176 -11.45 -1.38 -9.31
CA PRO A 176 -11.45 -0.52 -8.12
C PRO A 176 -12.71 0.34 -8.07
N ALA A 177 -13.22 0.54 -6.85
CA ALA A 177 -14.42 1.33 -6.67
C ALA A 177 -14.13 2.80 -6.87
N VAL A 178 -15.01 3.49 -7.59
CA VAL A 178 -14.94 4.93 -7.73
C VAL A 178 -15.85 5.57 -6.69
N LEU A 179 -15.56 6.82 -6.34
CA LEU A 179 -16.40 7.59 -5.44
C LEU A 179 -17.32 8.48 -6.27
N GLN A 180 -18.62 8.30 -6.09
CA GLN A 180 -19.58 9.06 -6.87
C GLN A 180 -19.79 10.44 -6.24
N SER A 181 -20.41 11.34 -7.01
CA SER A 181 -20.64 12.70 -6.55
C SER A 181 -21.57 12.76 -5.33
N SER A 182 -22.14 11.64 -4.90
CA SER A 182 -23.04 11.59 -3.76
C SER A 182 -22.35 11.17 -2.46
N GLY A 183 -21.05 10.91 -2.51
CA GLY A 183 -20.36 10.38 -1.34
C GLY A 183 -20.57 8.89 -1.16
N LEU A 184 -20.70 8.14 -2.26
CA LEU A 184 -20.91 6.70 -2.21
C LEU A 184 -20.06 6.04 -3.27
N TYR A 185 -19.73 4.77 -3.04
CA TYR A 185 -18.85 4.05 -3.95
C TYR A 185 -19.65 3.28 -4.99
N SER A 186 -19.06 3.14 -6.17
CA SER A 186 -19.60 2.32 -7.24
C SER A 186 -18.49 1.42 -7.76
N LEU A 187 -18.78 0.12 -7.85
CA LEU A 187 -17.84 -0.88 -8.28
C LEU A 187 -18.46 -1.68 -9.42
N SER A 188 -17.61 -2.37 -10.17
CA SER A 188 -18.10 -3.21 -11.26
C SER A 188 -17.15 -4.38 -11.43
N SER A 189 -17.69 -5.59 -11.42
CA SER A 189 -16.92 -6.81 -11.61
C SER A 189 -17.38 -7.49 -12.88
N VAL A 190 -16.44 -7.90 -13.73
CA VAL A 190 -16.78 -8.50 -15.01
C VAL A 190 -16.05 -9.83 -15.16
N VAL A 191 -16.58 -10.65 -16.07
CA VAL A 191 -15.93 -11.87 -16.53
C VAL A 191 -16.22 -12.01 -18.01
N THR A 192 -15.24 -12.51 -18.74
CA THR A 192 -15.36 -12.75 -20.18
C THR A 192 -15.26 -14.24 -20.42
N VAL A 193 -16.29 -14.82 -21.03
CA VAL A 193 -16.31 -16.25 -21.34
C VAL A 193 -16.45 -16.39 -22.86
N PRO A 194 -16.28 -17.59 -23.41
CA PRO A 194 -16.50 -17.75 -24.85
C PRO A 194 -17.97 -17.62 -25.22
N SER A 195 -18.20 -17.28 -26.48
CA SER A 195 -19.57 -17.14 -26.97
C SER A 195 -20.30 -18.48 -26.93
N SER A 196 -19.60 -19.57 -27.28
CA SER A 196 -20.22 -20.89 -27.27
C SER A 196 -20.62 -21.35 -25.88
N SER A 197 -19.98 -20.82 -24.84
CA SER A 197 -20.23 -21.25 -23.46
C SER A 197 -21.38 -20.52 -22.79
N LEU A 198 -21.99 -19.54 -23.48
CA LEU A 198 -23.04 -18.74 -22.85
C LEU A 198 -24.27 -19.58 -22.50
N GLY A 199 -24.56 -20.61 -23.30
CA GLY A 199 -25.79 -21.36 -23.12
C GLY A 199 -25.74 -22.41 -22.04
N THR A 200 -24.60 -23.06 -21.87
CA THR A 200 -24.52 -24.23 -20.99
C THR A 200 -24.57 -23.81 -19.52
N GLN A 201 -23.71 -22.88 -19.13
CA GLN A 201 -23.43 -22.63 -17.72
C GLN A 201 -24.11 -21.36 -17.23
N THR A 202 -24.44 -21.36 -15.94
CA THR A 202 -24.99 -20.19 -15.26
C THR A 202 -23.87 -19.35 -14.65
N TYR A 203 -24.15 -18.07 -14.47
CA TYR A 203 -23.18 -17.11 -13.95
C TYR A 203 -23.83 -16.30 -12.84
N ILE A 204 -23.34 -16.49 -11.61
CA ILE A 204 -23.86 -15.82 -10.43
C ILE A 204 -22.70 -15.10 -9.77
N CYS A 205 -22.75 -13.76 -9.76
CA CYS A 205 -21.73 -12.99 -9.06
C CYS A 205 -22.06 -12.93 -7.57
N ASN A 206 -21.05 -13.18 -6.74
CA ASN A 206 -21.21 -13.18 -5.29
C ASN A 206 -20.58 -11.90 -4.76
N VAL A 207 -21.44 -10.95 -4.37
CA VAL A 207 -21.01 -9.66 -3.85
C VAL A 207 -21.17 -9.68 -2.33
N ASN A 208 -20.15 -9.19 -1.63
CA ASN A 208 -20.07 -9.27 -0.17
C ASN A 208 -19.63 -7.91 0.37
N HIS A 209 -20.32 -7.43 1.39
CA HIS A 209 -20.05 -6.11 2.00
C HIS A 209 -20.28 -6.25 3.49
N LYS A 210 -19.19 -6.46 4.23
CA LYS A 210 -19.23 -6.77 5.66
C LYS A 210 -19.69 -5.57 6.51
N PRO A 211 -19.20 -4.35 6.23
CA PRO A 211 -19.60 -3.22 7.07
C PRO A 211 -21.10 -3.11 7.30
N SER A 212 -21.92 -3.50 6.33
CA SER A 212 -23.37 -3.54 6.47
C SER A 212 -23.90 -4.96 6.62
N ASN A 213 -23.02 -5.96 6.71
CA ASN A 213 -23.41 -7.34 6.84
C ASN A 213 -24.37 -7.75 5.72
N THR A 214 -23.96 -7.46 4.48
CA THR A 214 -24.76 -7.76 3.31
C THR A 214 -24.02 -8.78 2.44
N LYS A 215 -24.78 -9.75 1.93
CA LYS A 215 -24.27 -10.75 1.01
C LYS A 215 -25.34 -10.99 -0.05
N VAL A 216 -25.00 -10.79 -1.31
CA VAL A 216 -25.92 -10.96 -2.42
C VAL A 216 -25.30 -11.92 -3.43
N ASP A 217 -26.08 -12.92 -3.85
CA ASP A 217 -25.70 -13.79 -4.95
C ASP A 217 -26.66 -13.51 -6.09
N LYS A 218 -26.15 -12.93 -7.18
CA LYS A 218 -26.98 -12.37 -8.23
C LYS A 218 -26.71 -13.11 -9.54
N ARG A 219 -27.76 -13.70 -10.11
CA ARG A 219 -27.66 -14.26 -11.45
C ARG A 219 -27.48 -13.13 -12.46
N VAL A 220 -26.95 -13.47 -13.63
CA VAL A 220 -26.87 -12.51 -14.73
C VAL A 220 -27.19 -13.22 -16.04
N GLU A 221 -28.43 -13.13 -16.46
CA GLU A 221 -28.92 -13.75 -17.68
C GLU A 221 -28.73 -12.80 -18.86
N PRO A 222 -28.77 -13.31 -20.08
CA PRO A 222 -28.56 -12.45 -21.26
C PRO A 222 -29.80 -11.58 -21.52
N LYS A 223 -29.60 -10.61 -22.41
CA LYS A 223 -30.64 -9.65 -22.74
C LYS A 223 -31.44 -10.12 -23.94
N ASP B 1 11.44 17.21 8.85
CA ASP B 1 11.87 15.80 8.72
C ASP B 1 12.57 15.56 7.40
N ILE B 2 13.31 14.46 7.31
CA ILE B 2 13.93 14.07 6.04
C ILE B 2 12.85 13.63 5.08
N GLN B 3 12.85 14.22 3.88
CA GLN B 3 11.83 13.96 2.87
C GLN B 3 12.48 13.30 1.66
N MET B 4 12.05 12.08 1.34
CA MET B 4 12.60 11.34 0.21
C MET B 4 11.83 11.68 -1.05
N THR B 5 12.53 11.64 -2.18
CA THR B 5 11.89 11.85 -3.48
C THR B 5 12.45 10.83 -4.47
N GLN B 6 11.55 10.15 -5.17
CA GLN B 6 11.93 9.10 -6.10
C GLN B 6 11.85 9.61 -7.54
N SER B 7 12.59 8.94 -8.42
CA SER B 7 12.64 9.32 -9.82
C SER B 7 12.91 8.06 -10.65
N PRO B 8 12.07 7.76 -11.66
CA PRO B 8 10.86 8.49 -12.07
C PRO B 8 9.66 8.07 -11.22
N SER B 9 8.52 8.73 -11.41
CA SER B 9 7.32 8.32 -10.71
C SER B 9 6.75 7.04 -11.32
N THR B 10 6.62 7.01 -12.63
CA THR B 10 6.21 5.81 -13.36
C THR B 10 7.30 5.43 -14.35
N LEU B 11 7.42 4.13 -14.61
CA LEU B 11 8.52 3.63 -15.43
C LEU B 11 8.02 2.45 -16.26
N SER B 12 8.30 2.49 -17.56
CA SER B 12 7.92 1.42 -18.48
C SER B 12 9.18 0.77 -19.02
N ALA B 13 9.21 -0.57 -18.97
CA ALA B 13 10.36 -1.32 -19.46
C ALA B 13 9.94 -2.76 -19.70
N SER B 14 10.47 -3.36 -20.76
CA SER B 14 10.11 -4.73 -21.12
C SER B 14 10.94 -5.72 -20.31
N VAL B 15 10.47 -6.96 -20.29
CA VAL B 15 11.14 -8.02 -19.54
C VAL B 15 12.49 -8.31 -20.17
N GLY B 16 13.52 -8.40 -19.33
CA GLY B 16 14.87 -8.63 -19.79
C GLY B 16 15.74 -7.39 -19.86
N ASP B 17 15.16 -6.21 -19.70
CA ASP B 17 15.93 -4.97 -19.72
C ASP B 17 16.39 -4.62 -18.31
N ARG B 18 17.49 -3.86 -18.25
CA ARG B 18 18.06 -3.41 -16.99
C ARG B 18 17.48 -2.06 -16.63
N VAL B 19 16.81 -1.97 -15.48
CA VAL B 19 16.04 -0.78 -15.13
C VAL B 19 16.51 -0.22 -13.79
N THR B 20 16.43 1.10 -13.65
CA THR B 20 17.00 1.82 -12.52
C THR B 20 15.97 2.77 -11.92
N ILE B 21 15.98 2.86 -10.58
CA ILE B 21 15.16 3.80 -9.82
C ILE B 21 16.09 4.61 -8.93
N THR B 22 15.74 5.88 -8.70
CA THR B 22 16.57 6.80 -7.95
C THR B 22 15.82 7.33 -6.74
N CYS B 23 16.53 7.44 -5.61
CA CYS B 23 16.00 8.09 -4.41
C CYS B 23 16.96 9.18 -3.97
N ARG B 24 16.43 10.38 -3.78
CA ARG B 24 17.18 11.51 -3.26
C ARG B 24 16.63 11.90 -1.89
N ALA B 25 17.54 12.13 -0.95
CA ALA B 25 17.18 12.56 0.40
C ALA B 25 17.45 14.04 0.56
N SER B 26 16.63 14.70 1.38
CA SER B 26 16.80 16.12 1.62
C SER B 26 18.12 16.43 2.31
N GLN B 27 18.66 15.46 3.05
CA GLN B 27 19.94 15.59 3.71
C GLN B 27 20.63 14.23 3.72
N SER B 28 21.91 14.24 4.03
CA SER B 28 22.70 13.01 4.00
C SER B 28 22.19 12.03 5.05
N ILE B 29 21.81 10.83 4.59
CA ILE B 29 21.38 9.75 5.46
C ILE B 29 22.46 8.66 5.57
N SER B 30 23.68 8.99 5.18
CA SER B 30 24.80 8.04 5.23
C SER B 30 24.41 6.86 4.34
N LYS B 31 24.48 5.62 4.84
CA LYS B 31 24.09 4.44 4.08
C LYS B 31 22.81 3.81 4.63
N TRP B 32 22.03 4.57 5.40
CA TRP B 32 20.84 4.04 6.08
C TRP B 32 19.63 4.24 5.19
N LEU B 33 19.53 3.41 4.15
CA LEU B 33 18.40 3.41 3.24
C LEU B 33 18.00 1.97 2.93
N ALA B 34 16.70 1.72 2.88
CA ALA B 34 16.15 0.42 2.54
C ALA B 34 15.22 0.56 1.34
N TRP B 35 15.04 -0.54 0.62
CA TRP B 35 14.13 -0.60 -0.51
C TRP B 35 13.09 -1.69 -0.27
N TYR B 36 11.82 -1.31 -0.36
CA TYR B 36 10.68 -2.21 -0.27
C TYR B 36 10.00 -2.33 -1.63
N GLN B 37 9.43 -3.52 -1.88
CA GLN B 37 8.60 -3.77 -3.04
C GLN B 37 7.19 -4.10 -2.59
N GLN B 38 6.20 -3.51 -3.26
CA GLN B 38 4.80 -3.76 -2.94
C GLN B 38 4.07 -4.16 -4.21
N LYS B 39 3.50 -5.37 -4.20
CA LYS B 39 2.66 -5.85 -5.27
C LYS B 39 1.24 -5.34 -5.10
N PRO B 40 0.49 -5.20 -6.19
CA PRO B 40 -0.91 -4.77 -6.07
C PRO B 40 -1.72 -5.71 -5.19
N GLY B 41 -2.36 -5.13 -4.16
CA GLY B 41 -3.21 -5.88 -3.27
C GLY B 41 -2.50 -6.48 -2.06
N LYS B 42 -1.19 -6.63 -2.12
CA LYS B 42 -0.42 -7.27 -1.06
C LYS B 42 0.38 -6.24 -0.28
N ALA B 43 0.95 -6.69 0.83
CA ALA B 43 1.74 -5.82 1.69
C ALA B 43 3.15 -5.66 1.15
N PRO B 44 3.84 -4.59 1.52
CA PRO B 44 5.23 -4.40 1.07
C PRO B 44 6.12 -5.54 1.52
N LYS B 45 7.24 -5.69 0.80
CA LYS B 45 8.23 -6.72 1.08
C LYS B 45 9.60 -6.04 1.08
N LEU B 46 10.32 -6.13 2.20
CA LEU B 46 11.64 -5.53 2.29
C LEU B 46 12.60 -6.24 1.35
N LEU B 47 13.15 -5.51 0.39
CA LEU B 47 14.12 -6.05 -0.55
C LEU B 47 15.56 -5.77 -0.16
N ILE B 48 15.86 -4.57 0.33
CA ILE B 48 17.23 -4.17 0.60
C ILE B 48 17.28 -3.30 1.84
N TYR B 49 18.39 -3.38 2.56
CA TYR B 49 18.62 -2.54 3.71
C TYR B 49 20.10 -2.19 3.79
N THR B 50 20.40 -1.06 4.42
CA THR B 50 21.76 -0.52 4.47
C THR B 50 22.30 -0.37 3.06
N THR B 51 21.48 0.24 2.20
CA THR B 51 21.86 0.60 0.83
C THR B 51 21.96 -0.62 -0.08
N SER B 52 22.87 -1.55 0.22
CA SER B 52 23.23 -2.61 -0.72
C SER B 52 23.03 -4.03 -0.20
N THR B 53 22.77 -4.23 1.08
CA THR B 53 22.64 -5.58 1.62
C THR B 53 21.28 -6.16 1.25
N LEU B 54 21.29 -7.31 0.59
CA LEU B 54 20.06 -7.96 0.15
C LEU B 54 19.44 -8.77 1.28
N LYS B 55 18.13 -8.64 1.42
CA LYS B 55 17.38 -9.50 2.32
C LYS B 55 17.42 -10.94 1.80
N SER B 56 17.43 -11.88 2.74
CA SER B 56 17.48 -13.29 2.35
C SER B 56 16.25 -13.66 1.53
N GLY B 57 16.47 -14.43 0.46
CA GLY B 57 15.40 -14.83 -0.43
C GLY B 57 15.25 -13.95 -1.66
N VAL B 58 15.74 -12.71 -1.61
CA VAL B 58 15.58 -11.80 -2.74
C VAL B 58 16.51 -12.24 -3.88
N PRO B 59 16.03 -12.41 -5.10
CA PRO B 59 16.92 -12.78 -6.20
C PRO B 59 18.04 -11.78 -6.38
N SER B 60 19.15 -12.26 -6.95
CA SER B 60 20.35 -11.44 -7.10
C SER B 60 20.29 -10.51 -8.32
N ARG B 61 19.18 -10.46 -9.04
CA ARG B 61 19.01 -9.45 -10.07
C ARG B 61 18.71 -8.08 -9.49
N PHE B 62 18.38 -8.00 -8.21
CA PHE B 62 18.22 -6.72 -7.51
C PHE B 62 19.55 -6.31 -6.90
N SER B 63 19.83 -5.01 -6.91
CA SER B 63 21.08 -4.51 -6.34
C SER B 63 20.95 -3.02 -6.06
N GLY B 64 21.27 -2.62 -4.85
CA GLY B 64 21.17 -1.23 -4.43
C GLY B 64 22.56 -0.62 -4.29
N SER B 65 22.71 0.58 -4.85
CA SER B 65 23.94 1.33 -4.73
C SER B 65 23.65 2.78 -4.38
N GLY B 66 24.69 3.62 -4.38
CA GLY B 66 24.57 4.99 -3.98
C GLY B 66 24.99 5.22 -2.54
N SER B 67 25.07 6.50 -2.17
CA SER B 67 25.43 6.83 -0.79
C SER B 67 25.33 8.33 -0.52
N GLY B 68 24.97 8.70 0.71
CA GLY B 68 24.86 10.10 1.08
C GLY B 68 23.49 10.67 0.78
N THR B 69 23.34 11.26 -0.41
CA THR B 69 22.08 11.87 -0.81
C THR B 69 21.40 11.16 -1.97
N GLU B 70 22.17 10.57 -2.88
CA GLU B 70 21.62 9.87 -4.04
C GLU B 70 21.80 8.37 -3.88
N PHE B 71 20.73 7.63 -4.14
CA PHE B 71 20.72 6.18 -4.08
C PHE B 71 20.03 5.63 -5.33
N THR B 72 20.41 4.42 -5.72
CA THR B 72 19.81 3.78 -6.88
C THR B 72 19.47 2.33 -6.56
N LEU B 73 18.30 1.91 -7.03
CA LEU B 73 17.89 0.51 -7.02
C LEU B 73 17.89 0.00 -8.45
N THR B 74 18.51 -1.15 -8.67
CA THR B 74 18.74 -1.65 -10.01
C THR B 74 18.21 -3.07 -10.15
N ILE B 75 17.48 -3.30 -11.23
CA ILE B 75 17.01 -4.64 -11.61
C ILE B 75 17.78 -5.03 -12.88
N SER B 76 18.51 -6.13 -12.80
CA SER B 76 19.45 -6.50 -13.86
C SER B 76 18.72 -7.01 -15.10
N SER B 77 17.82 -7.98 -14.91
CA SER B 77 17.02 -8.53 -16.00
C SER B 77 15.57 -8.59 -15.51
N LEU B 78 14.76 -7.65 -15.95
CA LEU B 78 13.37 -7.57 -15.52
C LEU B 78 12.65 -8.89 -15.78
N GLN B 79 11.81 -9.28 -14.84
CA GLN B 79 11.18 -10.60 -14.83
C GLN B 79 9.67 -10.45 -14.72
N PRO B 80 8.92 -11.55 -14.93
CA PRO B 80 7.46 -11.44 -14.80
C PRO B 80 7.01 -10.94 -13.43
N ASP B 81 7.43 -11.60 -12.35
CA ASP B 81 6.96 -11.24 -11.02
C ASP B 81 7.74 -10.07 -10.43
N ASP B 82 8.15 -9.14 -11.29
CA ASP B 82 8.88 -7.95 -10.86
C ASP B 82 8.09 -6.67 -11.07
N PHE B 83 6.87 -6.73 -11.56
CA PHE B 83 6.06 -5.52 -11.70
C PHE B 83 5.37 -5.22 -10.37
N ALA B 84 5.56 -4.00 -9.90
CA ALA B 84 5.14 -3.61 -8.56
C ALA B 84 5.51 -2.14 -8.35
N THR B 85 5.18 -1.59 -7.19
CA THR B 85 5.59 -0.24 -6.84
C THR B 85 6.68 -0.32 -5.77
N TYR B 86 7.79 0.36 -6.02
CA TYR B 86 8.99 0.27 -5.19
C TYR B 86 9.10 1.54 -4.36
N TYR B 87 9.21 1.38 -3.05
CA TYR B 87 9.42 2.48 -2.13
C TYR B 87 10.81 2.40 -1.54
N CYS B 88 11.37 3.55 -1.18
CA CYS B 88 12.62 3.61 -0.43
C CYS B 88 12.35 4.35 0.88
N GLN B 89 12.97 3.84 1.95
CA GLN B 89 12.75 4.35 3.30
C GLN B 89 14.10 4.50 3.98
N HIS B 90 14.39 5.71 4.46
CA HIS B 90 15.57 5.92 5.29
C HIS B 90 15.28 5.44 6.71
N PHE B 91 16.28 4.84 7.34
CA PHE B 91 16.21 4.58 8.77
C PHE B 91 17.38 5.27 9.45
N TYR B 92 17.58 6.55 9.11
CA TYR B 92 18.61 7.36 9.72
C TYR B 92 18.24 7.74 11.14
N SER B 93 16.98 8.09 11.37
CA SER B 93 16.43 8.33 12.70
C SER B 93 14.96 8.67 12.50
N VAL B 94 14.20 8.64 13.60
CA VAL B 94 12.77 8.92 13.54
C VAL B 94 12.56 10.41 13.29
N PRO B 95 11.53 10.82 12.56
CA PRO B 95 10.52 9.93 11.94
C PRO B 95 11.02 9.20 10.69
N TRP B 96 10.68 7.93 10.56
CA TRP B 96 10.96 7.19 9.34
C TRP B 96 10.04 7.69 8.23
N THR B 97 10.61 7.99 7.06
CA THR B 97 9.84 8.49 5.93
C THR B 97 10.17 7.71 4.66
N PHE B 98 9.18 7.59 3.79
CA PHE B 98 9.29 6.88 2.53
C PHE B 98 9.34 7.86 1.37
N GLY B 99 9.71 7.33 0.20
CA GLY B 99 9.55 8.06 -1.04
C GLY B 99 8.16 7.89 -1.61
N GLN B 100 7.81 8.76 -2.56
CA GLN B 100 6.45 8.77 -3.08
C GLN B 100 6.11 7.50 -3.85
N GLY B 101 7.09 6.69 -4.22
CA GLY B 101 6.83 5.44 -4.90
C GLY B 101 7.17 5.51 -6.38
N THR B 102 7.60 4.38 -6.92
CA THR B 102 7.88 4.24 -8.35
C THR B 102 7.21 2.96 -8.84
N LYS B 103 6.12 3.12 -9.58
CA LYS B 103 5.40 1.99 -10.14
C LYS B 103 6.02 1.63 -11.50
N VAL B 104 6.58 0.43 -11.59
CA VAL B 104 7.25 -0.03 -12.81
C VAL B 104 6.26 -0.84 -13.63
N GLU B 105 6.28 -0.62 -14.94
CA GLU B 105 5.31 -1.22 -15.86
C GLU B 105 6.02 -2.16 -16.82
N ILE B 106 5.37 -3.28 -17.10
CA ILE B 106 5.89 -4.28 -18.03
C ILE B 106 5.44 -3.89 -19.44
N LYS B 107 6.39 -3.48 -20.27
CA LYS B 107 6.07 -3.16 -21.66
C LYS B 107 5.75 -4.45 -22.43
N ARG B 108 4.86 -4.31 -23.41
CA ARG B 108 4.49 -5.41 -24.28
C ARG B 108 4.08 -4.83 -25.63
N THR B 109 3.78 -5.72 -26.56
CA THR B 109 3.27 -5.28 -27.86
C THR B 109 1.96 -4.52 -27.66
N VAL B 110 1.79 -3.45 -28.44
CA VAL B 110 0.58 -2.64 -28.33
C VAL B 110 -0.63 -3.50 -28.66
N ALA B 111 -1.65 -3.40 -27.81
CA ALA B 111 -2.89 -4.17 -27.97
C ALA B 111 -4.09 -3.25 -27.96
N ALA B 112 -5.06 -3.53 -28.83
CA ALA B 112 -6.27 -2.74 -28.88
C ALA B 112 -7.34 -3.32 -27.96
N PRO B 113 -8.19 -2.49 -27.35
CA PRO B 113 -9.22 -3.02 -26.46
C PRO B 113 -10.39 -3.64 -27.21
N SER B 114 -10.94 -4.69 -26.62
CA SER B 114 -12.25 -5.20 -27.00
C SER B 114 -13.29 -4.48 -26.15
N VAL B 115 -14.25 -3.83 -26.80
CA VAL B 115 -15.14 -2.88 -26.14
C VAL B 115 -16.56 -3.45 -26.15
N PHE B 116 -17.20 -3.44 -24.98
CA PHE B 116 -18.53 -3.99 -24.81
C PHE B 116 -19.41 -2.99 -24.07
N ILE B 117 -20.69 -2.91 -24.46
CA ILE B 117 -21.62 -1.98 -23.83
C ILE B 117 -22.72 -2.77 -23.15
N PHE B 118 -23.19 -2.26 -22.01
CA PHE B 118 -24.20 -2.92 -21.20
C PHE B 118 -25.30 -1.90 -20.92
N PRO B 119 -26.53 -2.14 -21.38
CA PRO B 119 -27.63 -1.22 -21.06
C PRO B 119 -28.08 -1.38 -19.62
N PRO B 120 -28.83 -0.41 -19.10
CA PRO B 120 -29.31 -0.53 -17.72
C PRO B 120 -30.18 -1.76 -17.54
N SER B 121 -30.13 -2.33 -16.34
CA SER B 121 -30.99 -3.46 -16.00
C SER B 121 -32.37 -2.97 -15.60
N ASP B 122 -33.38 -3.83 -15.79
CA ASP B 122 -34.75 -3.48 -15.44
C ASP B 122 -34.87 -3.20 -13.94
N GLU B 123 -34.17 -3.99 -13.12
CA GLU B 123 -34.21 -3.76 -11.67
C GLU B 123 -33.82 -2.33 -11.33
N GLN B 124 -32.72 -1.85 -11.91
CA GLN B 124 -32.27 -0.49 -11.62
C GLN B 124 -33.28 0.53 -12.10
N LEU B 125 -33.80 0.35 -13.32
CA LEU B 125 -34.82 1.26 -13.84
C LEU B 125 -36.02 1.34 -12.90
N LYS B 126 -36.37 0.22 -12.25
CA LYS B 126 -37.43 0.27 -11.25
C LYS B 126 -37.11 1.22 -10.11
N SER B 127 -35.85 1.58 -9.92
CA SER B 127 -35.45 2.44 -8.81
C SER B 127 -35.27 3.90 -9.22
N GLY B 128 -35.43 4.23 -10.49
CA GLY B 128 -35.41 5.60 -10.94
C GLY B 128 -34.11 6.06 -11.57
N THR B 129 -33.11 5.19 -11.69
CA THR B 129 -31.83 5.54 -12.31
C THR B 129 -31.52 4.57 -13.44
N ALA B 130 -30.61 5.00 -14.31
CA ALA B 130 -30.20 4.20 -15.46
C ALA B 130 -28.69 4.28 -15.60
N SER B 131 -28.03 3.12 -15.62
CA SER B 131 -26.58 3.04 -15.72
C SER B 131 -26.21 2.25 -16.96
N VAL B 132 -25.63 2.93 -17.94
CA VAL B 132 -24.99 2.30 -19.08
C VAL B 132 -23.52 2.10 -18.75
N VAL B 133 -23.00 0.90 -18.99
CA VAL B 133 -21.61 0.58 -18.69
C VAL B 133 -20.87 0.33 -19.99
N CYS B 134 -19.66 0.86 -20.09
CA CYS B 134 -18.79 0.64 -21.24
C CYS B 134 -17.49 0.04 -20.74
N LEU B 135 -17.12 -1.12 -21.30
CA LEU B 135 -15.97 -1.88 -20.84
C LEU B 135 -14.93 -1.95 -21.95
N LEU B 136 -13.70 -1.56 -21.61
CA LEU B 136 -12.54 -1.73 -22.48
C LEU B 136 -11.68 -2.83 -21.88
N ASN B 137 -11.47 -3.90 -22.66
CA ASN B 137 -10.81 -5.10 -22.16
C ASN B 137 -9.53 -5.38 -22.93
N ASN B 138 -8.45 -5.67 -22.21
CA ASN B 138 -7.21 -6.12 -22.82
C ASN B 138 -6.66 -5.08 -23.77
N PHE B 139 -6.00 -4.05 -23.24
CA PHE B 139 -5.38 -3.02 -24.06
C PHE B 139 -4.11 -2.51 -23.39
N TYR B 140 -3.06 -2.37 -24.20
CA TYR B 140 -1.81 -1.77 -23.75
C TYR B 140 -1.33 -0.86 -24.86
N PRO B 141 -0.85 0.35 -24.53
CA PRO B 141 -0.70 0.98 -23.21
C PRO B 141 -2.04 1.23 -22.52
N ARG B 142 -2.02 1.75 -21.30
CA ARG B 142 -3.24 2.02 -20.56
C ARG B 142 -3.88 3.36 -20.91
N GLU B 143 -3.14 4.25 -21.59
CA GLU B 143 -3.68 5.55 -21.98
C GLU B 143 -4.72 5.33 -23.07
N ALA B 144 -5.94 5.00 -22.63
CA ALA B 144 -7.09 4.81 -23.50
C ALA B 144 -8.18 5.80 -23.11
N LYS B 145 -8.83 6.40 -24.10
CA LYS B 145 -9.77 7.48 -23.86
C LYS B 145 -11.18 7.07 -24.25
N VAL B 146 -12.12 7.28 -23.34
CA VAL B 146 -13.54 7.01 -23.57
C VAL B 146 -14.30 8.32 -23.66
N GLN B 147 -15.45 8.27 -24.33
CA GLN B 147 -16.36 9.40 -24.41
C GLN B 147 -17.76 8.89 -24.62
N TRP B 148 -18.72 9.45 -23.90
CA TRP B 148 -20.11 9.02 -23.95
C TRP B 148 -20.90 9.91 -24.89
N LYS B 149 -21.58 9.29 -25.85
CA LYS B 149 -22.50 9.97 -26.75
C LYS B 149 -23.91 9.46 -26.54
N VAL B 150 -24.87 10.37 -26.51
CA VAL B 150 -26.28 10.06 -26.38
C VAL B 150 -27.01 10.86 -27.46
N ASP B 151 -27.46 10.17 -28.51
CA ASP B 151 -28.03 10.83 -29.69
C ASP B 151 -26.98 11.71 -30.36
N ASN B 152 -25.74 11.23 -30.40
CA ASN B 152 -24.60 11.93 -30.99
C ASN B 152 -24.18 13.14 -30.17
N ALA B 153 -24.66 13.27 -28.94
CA ALA B 153 -24.33 14.41 -28.07
C ALA B 153 -23.34 13.96 -27.01
N LEU B 154 -22.18 14.61 -26.98
CA LEU B 154 -21.17 14.28 -25.98
C LEU B 154 -21.66 14.64 -24.59
N GLN B 155 -21.33 13.79 -23.61
CA GLN B 155 -21.68 14.00 -22.22
C GLN B 155 -20.49 14.59 -21.47
N SER B 156 -20.80 15.20 -20.32
CA SER B 156 -19.79 15.84 -19.50
C SER B 156 -20.25 15.84 -18.05
N GLY B 157 -19.31 15.70 -17.13
CA GLY B 157 -19.67 15.57 -15.72
C GLY B 157 -20.72 14.51 -15.49
N ASN B 158 -20.63 13.40 -16.24
CA ASN B 158 -21.71 12.42 -16.30
C ASN B 158 -21.25 10.99 -16.12
N SER B 159 -19.95 10.74 -15.97
CA SER B 159 -19.43 9.38 -16.01
C SER B 159 -18.23 9.27 -15.08
N GLN B 160 -17.98 8.03 -14.64
CA GLN B 160 -16.83 7.70 -13.80
C GLN B 160 -16.22 6.42 -14.32
N GLU B 161 -14.91 6.43 -14.57
CA GLU B 161 -14.20 5.27 -15.06
C GLU B 161 -13.18 4.79 -14.03
N SER B 162 -12.78 3.53 -14.17
CA SER B 162 -11.87 2.88 -13.25
C SER B 162 -11.03 1.86 -14.02
N VAL B 163 -9.71 1.96 -13.90
CA VAL B 163 -8.78 1.07 -14.59
C VAL B 163 -8.21 0.09 -13.59
N THR B 164 -7.97 -1.14 -14.04
CA THR B 164 -7.34 -2.16 -13.23
C THR B 164 -5.82 -2.07 -13.38
N GLU B 165 -5.12 -2.45 -12.32
CA GLU B 165 -3.66 -2.51 -12.39
C GLU B 165 -3.23 -3.64 -13.31
N GLN B 166 -2.01 -3.50 -13.83
CA GLN B 166 -1.56 -4.33 -14.95
C GLN B 166 -1.78 -5.81 -14.69
N ASP B 167 -2.34 -6.50 -15.68
CA ASP B 167 -2.59 -7.92 -15.56
C ASP B 167 -1.27 -8.69 -15.38
N SER B 168 -1.39 -9.90 -14.83
CA SER B 168 -0.23 -10.69 -14.45
C SER B 168 0.08 -11.82 -15.43
N LYS B 169 -0.71 -11.99 -16.48
CA LYS B 169 -0.48 -13.04 -17.46
C LYS B 169 -0.31 -12.51 -18.88
N ASP B 170 -1.00 -11.42 -19.23
CA ASP B 170 -0.84 -10.77 -20.52
C ASP B 170 -0.39 -9.32 -20.39
N SER B 171 -0.26 -8.81 -19.17
CA SER B 171 0.21 -7.44 -18.94
C SER B 171 -0.67 -6.41 -19.61
N THR B 172 -1.96 -6.72 -19.76
CA THR B 172 -2.92 -5.78 -20.33
C THR B 172 -3.69 -5.09 -19.22
N TYR B 173 -4.46 -4.08 -19.62
CA TYR B 173 -5.32 -3.34 -18.71
C TYR B 173 -6.78 -3.56 -19.08
N SER B 174 -7.66 -2.96 -18.29
CA SER B 174 -9.09 -3.05 -18.51
C SER B 174 -9.81 -1.97 -17.72
N LEU B 175 -10.55 -1.09 -18.39
CA LEU B 175 -11.27 -0.04 -17.69
C LEU B 175 -12.77 -0.19 -17.93
N SER B 176 -13.55 0.50 -17.09
CA SER B 176 -15.00 0.35 -17.09
C SER B 176 -15.61 1.70 -16.73
N SER B 177 -16.07 2.43 -17.74
CA SER B 177 -16.73 3.70 -17.53
C SER B 177 -18.22 3.47 -17.29
N THR B 178 -18.79 4.25 -16.36
CA THR B 178 -20.19 4.10 -15.98
C THR B 178 -20.89 5.44 -16.18
N LEU B 179 -21.73 5.51 -17.20
CA LEU B 179 -22.60 6.67 -17.42
C LEU B 179 -23.93 6.42 -16.73
N THR B 180 -24.37 7.37 -15.91
CA THR B 180 -25.58 7.19 -15.11
C THR B 180 -26.45 8.42 -15.21
N LEU B 181 -27.66 8.25 -15.74
CA LEU B 181 -28.67 9.29 -15.77
C LEU B 181 -29.85 8.85 -14.90
N SER B 182 -30.87 9.70 -14.84
CA SER B 182 -32.11 9.35 -14.14
C SER B 182 -33.07 8.70 -15.12
N LYS B 183 -33.97 7.87 -14.58
CA LYS B 183 -34.97 7.21 -15.41
C LYS B 183 -35.65 8.20 -16.34
N ALA B 184 -36.00 9.37 -15.83
CA ALA B 184 -36.67 10.40 -16.62
C ALA B 184 -35.88 10.74 -17.88
N ASP B 185 -34.69 11.33 -17.73
CA ASP B 185 -33.92 11.78 -18.88
C ASP B 185 -33.22 10.64 -19.61
N TYR B 186 -33.17 9.44 -19.03
CA TYR B 186 -32.70 8.29 -19.80
C TYR B 186 -33.73 7.87 -20.82
N GLU B 187 -35.02 7.89 -20.44
CA GLU B 187 -36.11 7.54 -21.35
C GLU B 187 -36.38 8.63 -22.38
N LYS B 188 -35.63 9.73 -22.37
CA LYS B 188 -35.83 10.84 -23.30
C LYS B 188 -34.96 10.77 -24.53
N HIS B 189 -34.09 9.77 -24.64
CA HIS B 189 -33.21 9.61 -25.79
C HIS B 189 -33.30 8.16 -26.27
N LYS B 190 -32.67 7.89 -27.42
CA LYS B 190 -32.82 6.61 -28.09
C LYS B 190 -31.52 5.81 -28.11
N VAL B 191 -30.47 6.36 -28.71
CA VAL B 191 -29.23 5.62 -28.96
C VAL B 191 -28.17 6.06 -27.96
N TYR B 192 -27.43 5.08 -27.42
CA TYR B 192 -26.36 5.33 -26.46
C TYR B 192 -25.11 4.65 -26.96
N ALA B 193 -23.99 5.39 -26.96
CA ALA B 193 -22.74 4.89 -27.50
C ALA B 193 -21.59 5.35 -26.63
N CYS B 194 -20.50 4.57 -26.61
CA CYS B 194 -19.25 4.98 -26.01
C CYS B 194 -18.15 4.88 -27.05
N GLU B 195 -17.72 6.04 -27.56
CA GLU B 195 -16.62 6.09 -28.50
C GLU B 195 -15.29 6.00 -27.76
N VAL B 196 -14.37 5.23 -28.32
CA VAL B 196 -13.12 4.89 -27.66
C VAL B 196 -11.98 5.16 -28.63
N THR B 197 -10.92 5.80 -28.13
CA THR B 197 -9.69 5.97 -28.87
C THR B 197 -8.54 5.35 -28.08
N HIS B 198 -7.59 4.79 -28.82
CA HIS B 198 -6.42 4.16 -28.24
C HIS B 198 -5.31 4.18 -29.28
N GLN B 199 -4.07 4.05 -28.81
CA GLN B 199 -2.94 4.01 -29.72
C GLN B 199 -3.08 2.84 -30.70
N GLY B 200 -3.43 1.66 -30.19
CA GLY B 200 -3.58 0.49 -31.04
C GLY B 200 -4.74 0.57 -32.01
N LEU B 201 -5.74 1.40 -31.73
CA LEU B 201 -6.88 1.55 -32.62
C LEU B 201 -6.53 2.52 -33.74
N SER B 202 -6.51 2.02 -34.97
CA SER B 202 -6.19 2.86 -36.12
C SER B 202 -7.11 4.08 -36.17
N SER B 203 -8.41 3.86 -36.01
CA SER B 203 -9.39 4.92 -35.95
C SER B 203 -10.36 4.65 -34.81
N PRO B 204 -10.90 5.70 -34.17
CA PRO B 204 -11.79 5.49 -33.02
C PRO B 204 -12.88 4.47 -33.33
N VAL B 205 -13.27 3.73 -32.28
CA VAL B 205 -14.26 2.66 -32.42
C VAL B 205 -15.46 2.99 -31.53
N THR B 206 -16.66 2.68 -32.01
CA THR B 206 -17.89 3.05 -31.33
C THR B 206 -18.76 1.81 -31.13
N LYS B 207 -19.10 1.52 -29.88
CA LYS B 207 -20.13 0.55 -29.54
C LYS B 207 -21.37 1.29 -29.05
N SER B 208 -22.54 0.80 -29.43
CA SER B 208 -23.77 1.55 -29.22
C SER B 208 -24.96 0.59 -29.17
N PHE B 209 -26.10 1.13 -28.79
CA PHE B 209 -27.34 0.38 -28.77
C PHE B 209 -28.51 1.35 -28.75
N ASN B 210 -29.66 0.88 -29.22
CA ASN B 210 -30.90 1.65 -29.22
C ASN B 210 -31.89 0.99 -28.26
N ARG B 211 -32.45 1.78 -27.36
CA ARG B 211 -33.42 1.26 -26.39
C ARG B 211 -34.81 1.19 -26.99
N SER C 1 11.24 13.09 30.78
CA SER C 1 11.24 11.66 30.46
C SER C 1 11.71 11.46 29.03
N TYR C 2 13.02 11.28 28.85
CA TYR C 2 13.61 11.16 27.52
C TYR C 2 13.35 9.78 26.94
N VAL C 3 13.80 9.58 25.70
CA VAL C 3 13.56 8.36 24.95
C VAL C 3 14.84 7.97 24.22
N MET C 4 15.00 6.67 23.98
CA MET C 4 16.24 6.15 23.40
C MET C 4 16.51 6.77 22.03
N CYS C 5 17.78 6.79 21.67
CA CYS C 5 18.21 7.33 20.38
C CYS C 5 18.00 6.32 19.27
N THR C 6 17.46 6.80 18.15
CA THR C 6 17.23 5.96 16.98
C THR C 6 18.30 6.08 15.92
N GLY C 7 19.24 7.01 16.08
CA GLY C 7 20.31 7.18 15.12
C GLY C 7 21.54 6.36 15.48
N SER C 8 22.58 6.53 14.68
CA SER C 8 23.84 5.84 14.86
C SER C 8 24.82 6.72 15.63
N PHE C 9 25.96 6.13 16.00
CA PHE C 9 27.02 6.85 16.67
C PHE C 9 28.32 6.62 15.91
N LYS C 10 29.00 7.70 15.55
CA LYS C 10 30.28 7.60 14.86
C LYS C 10 31.41 7.67 15.88
N LEU C 11 32.34 6.73 15.79
CA LEU C 11 33.45 6.68 16.72
C LEU C 11 34.49 7.74 16.37
N GLU C 12 35.15 8.26 17.40
CA GLU C 12 36.21 9.25 17.22
C GLU C 12 37.49 8.89 17.97
N LYS C 13 37.38 8.37 19.19
CA LYS C 13 38.57 7.95 19.93
C LYS C 13 38.17 6.91 20.98
N GLU C 14 39.00 5.88 21.09
CA GLU C 14 38.93 4.89 22.16
C GLU C 14 40.31 4.75 22.78
N VAL C 15 40.37 4.81 24.10
CA VAL C 15 41.64 4.70 24.82
C VAL C 15 41.48 3.71 25.97
N ALA C 16 42.34 3.81 26.97
CA ALA C 16 42.31 2.90 28.11
C ALA C 16 42.58 3.67 29.39
N GLU C 17 42.10 3.12 30.50
CA GLU C 17 42.33 3.70 31.82
C GLU C 17 41.88 5.16 31.87
N GLY C 21 41.98 1.22 34.63
CA GLY C 21 41.32 -0.05 34.35
C GLY C 21 39.92 0.14 33.78
N THR C 22 39.76 1.12 32.90
CA THR C 22 38.48 1.41 32.29
C THR C 22 38.72 1.98 30.91
N VAL C 23 37.63 2.14 30.15
CA VAL C 23 37.71 2.57 28.76
C VAL C 23 36.94 3.88 28.59
N LEU C 24 37.45 4.72 27.69
CA LEU C 24 36.78 5.93 27.26
C LEU C 24 36.48 5.84 25.76
N VAL C 25 35.35 6.43 25.38
CA VAL C 25 34.83 6.36 24.02
C VAL C 25 34.20 7.71 23.70
N GLN C 26 34.66 8.36 22.64
CA GLN C 26 34.09 9.62 22.19
C GLN C 26 33.26 9.37 20.94
N VAL C 27 31.98 9.72 20.99
CA VAL C 27 31.05 9.43 19.91
C VAL C 27 30.24 10.67 19.58
N LYS C 28 30.19 11.02 18.30
CA LYS C 28 29.25 12.02 17.81
C LYS C 28 28.04 11.32 17.22
N TYR C 29 26.88 11.96 17.34
CA TYR C 29 25.60 11.34 17.00
C TYR C 29 25.13 11.80 15.63
N GLU C 30 24.62 10.85 14.85
CA GLU C 30 23.94 11.13 13.58
C GLU C 30 22.45 10.88 13.80
N GLY C 31 21.67 11.95 13.85
CA GLY C 31 20.24 11.81 14.03
C GLY C 31 19.57 13.15 14.14
N THR C 32 18.24 13.10 14.16
CA THR C 32 17.40 14.28 14.28
C THR C 32 16.50 14.25 15.51
N ASP C 33 16.52 13.16 16.29
CA ASP C 33 15.62 12.98 17.41
C ASP C 33 16.25 13.37 18.75
N ALA C 34 17.35 14.11 18.72
CA ALA C 34 17.97 14.55 19.97
C ALA C 34 17.18 15.69 20.59
N PRO C 35 17.19 15.82 21.94
CA PRO C 35 17.89 14.99 22.93
C PRO C 35 17.27 13.61 23.13
N CYS C 36 18.12 12.59 23.29
CA CYS C 36 17.64 11.22 23.43
C CYS C 36 18.62 10.43 24.30
N LYS C 37 18.07 9.44 25.01
CA LYS C 37 18.91 8.55 25.80
C LYS C 37 19.77 7.68 24.89
N ILE C 38 21.00 7.42 25.31
CA ILE C 38 21.95 6.64 24.53
C ILE C 38 21.74 5.16 24.86
N PRO C 39 21.35 4.32 23.89
CA PRO C 39 21.30 2.88 24.15
C PRO C 39 22.69 2.27 24.27
N PHE C 40 23.18 2.18 25.50
CA PHE C 40 24.50 1.60 25.79
C PHE C 40 24.30 0.22 26.41
N SER C 41 24.99 -0.77 25.84
CA SER C 41 24.91 -2.15 26.32
C SER C 41 26.29 -2.80 26.18
N SER C 42 26.52 -3.82 26.99
CA SER C 42 27.75 -4.61 26.97
C SER C 42 27.39 -6.07 26.75
N GLN C 43 28.09 -6.72 25.81
CA GLN C 43 27.78 -8.11 25.48
C GLN C 43 29.04 -8.93 25.30
N ASN C 51 30.96 -8.72 33.92
CA ASN C 51 29.98 -7.79 34.46
C ASN C 51 29.54 -6.76 33.41
N GLY C 52 30.37 -5.76 33.16
CA GLY C 52 30.01 -4.72 32.23
C GLY C 52 29.18 -3.62 32.88
N ARG C 53 29.81 -2.49 33.16
CA ARG C 53 29.17 -1.38 33.84
C ARG C 53 29.50 -0.07 33.12
N LEU C 54 28.56 0.87 33.22
CA LEU C 54 28.71 2.21 32.63
C LEU C 54 28.94 3.20 33.77
N ILE C 55 30.14 3.76 33.83
CA ILE C 55 30.44 4.77 34.85
C ILE C 55 29.63 6.03 34.57
N THR C 56 29.64 6.50 33.33
CA THR C 56 28.86 7.66 32.93
C THR C 56 27.41 7.49 33.32
N ALA C 57 26.89 8.45 34.08
CA ALA C 57 25.51 8.41 34.55
C ALA C 57 24.60 9.04 33.50
N ASN C 58 23.53 8.32 33.16
CA ASN C 58 22.53 8.81 32.23
C ASN C 58 23.18 9.33 30.95
N PRO C 59 23.74 8.46 30.11
CA PRO C 59 24.34 8.92 28.85
C PRO C 59 23.26 9.45 27.92
N ILE C 60 23.39 10.72 27.54
CA ILE C 60 22.38 11.40 26.73
C ILE C 60 23.07 12.23 25.66
N VAL C 61 22.51 12.20 24.46
CA VAL C 61 22.86 13.15 23.42
C VAL C 61 21.92 14.35 23.55
N THR C 62 22.45 15.54 23.31
CA THR C 62 21.63 16.74 23.27
C THR C 62 21.87 17.57 22.01
N ASP C 63 22.73 17.10 21.11
CA ASP C 63 23.04 17.84 19.90
C ASP C 63 23.78 16.92 18.94
N LYS C 64 23.44 17.03 17.64
CA LYS C 64 24.15 16.28 16.62
C LYS C 64 25.59 16.76 16.49
N GLU C 65 25.80 18.07 16.56
CA GLU C 65 27.13 18.64 16.37
C GLU C 65 28.07 18.35 17.54
N LYS C 66 27.54 18.05 18.72
CA LYS C 66 28.36 18.00 19.92
C LYS C 66 28.71 16.57 20.26
N PRO C 67 30.00 16.22 20.38
CA PRO C 67 30.36 14.85 20.78
C PRO C 67 29.89 14.53 22.18
N VAL C 68 30.04 13.25 22.54
CA VAL C 68 29.67 12.75 23.85
C VAL C 68 30.76 11.82 24.35
N ASN C 69 31.12 11.98 25.62
CA ASN C 69 32.12 11.15 26.30
C ASN C 69 31.41 10.06 27.08
N ILE C 70 31.82 8.81 26.86
CA ILE C 70 31.24 7.65 27.52
C ILE C 70 32.39 6.83 28.10
N GLU C 71 32.35 6.59 29.41
CA GLU C 71 33.36 5.78 30.08
C GLU C 71 32.70 4.51 30.59
N ALA C 72 33.29 3.36 30.28
CA ALA C 72 32.72 2.07 30.64
C ALA C 72 33.79 1.18 31.27
N GLU C 73 33.35 0.33 32.19
CA GLU C 73 34.22 -0.62 32.89
C GLU C 73 33.87 -2.03 32.45
N PRO C 74 34.51 -2.56 31.41
CA PRO C 74 34.17 -3.90 30.93
C PRO C 74 34.91 -4.96 31.74
N PRO C 75 34.53 -6.23 31.61
CA PRO C 75 35.17 -7.30 32.39
C PRO C 75 36.60 -7.58 31.97
N GLU C 78 36.73 -11.49 27.11
CA GLU C 78 36.66 -10.54 26.01
C GLU C 78 35.24 -10.42 25.50
N SER C 79 34.70 -9.20 25.48
CA SER C 79 33.35 -8.97 25.04
C SER C 79 33.29 -7.70 24.19
N TYR C 80 32.14 -7.51 23.57
CA TYR C 80 31.86 -6.33 22.77
C TYR C 80 31.18 -5.25 23.61
N ILE C 81 31.53 -4.01 23.31
CA ILE C 81 30.80 -2.84 23.80
C ILE C 81 29.94 -2.32 22.66
N VAL C 82 28.62 -2.35 22.87
CA VAL C 82 27.64 -2.01 21.85
C VAL C 82 27.01 -0.68 22.25
N VAL C 83 27.37 0.39 21.54
CA VAL C 83 26.76 1.70 21.74
C VAL C 83 25.85 1.97 20.55
N GLY C 84 24.58 2.18 20.82
CA GLY C 84 23.57 2.21 19.77
C GLY C 84 22.67 1.00 19.85
N ALA C 85 21.77 0.92 18.87
CA ALA C 85 20.84 -0.20 18.82
C ALA C 85 20.33 -0.34 17.39
N GLY C 86 20.02 -1.58 17.02
CA GLY C 86 19.43 -1.84 15.73
C GLY C 86 20.46 -2.11 14.64
N GLU C 87 20.03 -1.87 13.40
CA GLU C 87 20.81 -2.24 12.23
C GLU C 87 22.17 -1.54 12.20
N LYS C 88 22.36 -0.48 13.00
CA LYS C 88 23.56 0.34 12.89
C LYS C 88 24.18 0.58 14.26
N ALA C 89 23.96 -0.33 15.20
CA ALA C 89 24.61 -0.22 16.50
C ALA C 89 26.12 -0.35 16.33
N LEU C 90 26.85 0.55 16.97
CA LEU C 90 28.31 0.53 16.94
C LEU C 90 28.79 -0.59 17.85
N LYS C 91 29.41 -1.61 17.25
CA LYS C 91 29.89 -2.79 17.96
C LYS C 91 31.40 -2.73 18.03
N LEU C 92 31.94 -2.80 19.26
CA LEU C 92 33.37 -2.78 19.50
C LEU C 92 33.74 -3.98 20.36
N SER C 93 35.03 -4.21 20.55
CA SER C 93 35.50 -5.35 21.36
C SER C 93 36.65 -4.88 22.23
N TRP C 94 36.76 -5.47 23.43
CA TRP C 94 37.81 -4.99 24.33
C TRP C 94 38.30 -6.08 25.27
N PHE C 95 39.42 -5.78 25.92
CA PHE C 95 40.02 -6.64 26.94
C PHE C 95 41.03 -5.85 27.78
#